data_4YUF
#
_entry.id   4YUF
#
_cell.length_a   62.920
_cell.length_b   106.310
_cell.length_c   104.660
_cell.angle_alpha   90.00
_cell.angle_beta   90.00
_cell.angle_gamma   90.00
#
_symmetry.space_group_name_H-M   'C 2 2 21'
#
loop_
_entity.id
_entity.type
_entity.pdbx_description
1 polymer CorB
2 water water
#
_entity_poly.entity_id   1
_entity_poly.type   'polypeptide(L)'
_entity_poly.pdbx_seq_one_letter_code
;MNQGGVFPLPFKIAGLGRYVPADVVLSSDLEKKYDLPPGWCVEKQGIRERRWVKDETASFMGAEAAKEAVRDAGLKLEDI
DLIINASGSPEQAVPDGGPLVQRELGLGRSGVPSITVNAS(CSD)LSFFVALDVAANYLNMRRYKRILIVSSDISSVALD
FRKPENFTLFGDAAAAAVVTLPEPGEKSCIHASQVRTYGYGAEFSMVPGGGSRRHPNGKNTTPEDNYLHMNGAELLKIGF
EYLPRFNEALWKQCPDITIKDCRYVIPHQPSRVVLDYLSLTYPDDKLVRIIDRFANCIGASMPMALYEAVKVGGLRRGER
GVLTGTGSGVSFVGMVFTY
;
_entity_poly.pdbx_strand_id   A
#
# COMPACT_ATOMS: atom_id res chain seq x y z
N VAL A 6 11.39 -23.86 -1.48
CA VAL A 6 11.34 -22.36 -1.62
C VAL A 6 10.38 -21.73 -0.61
N PHE A 7 9.17 -22.28 -0.49
CA PHE A 7 8.15 -21.74 0.43
C PHE A 7 7.56 -22.62 1.52
N PRO A 8 8.16 -22.60 2.70
CA PRO A 8 7.62 -21.60 3.60
C PRO A 8 8.87 -20.77 3.88
N LEU A 9 8.75 -19.45 3.81
CA LEU A 9 9.90 -18.57 3.98
C LEU A 9 9.81 -17.90 5.36
N PRO A 10 10.79 -18.15 6.26
CA PRO A 10 10.73 -17.43 7.55
C PRO A 10 10.64 -15.91 7.35
N PHE A 11 9.71 -15.28 8.05
CA PHE A 11 9.42 -13.86 7.85
C PHE A 11 8.52 -13.36 8.96
N LYS A 12 8.97 -12.33 9.67
CA LYS A 12 8.20 -11.76 10.78
C LYS A 12 7.94 -10.28 10.58
N ILE A 13 6.67 -9.91 10.60
CA ILE A 13 6.26 -8.51 10.67
C ILE A 13 6.35 -8.14 12.15
N ALA A 14 7.47 -7.53 12.50
CA ALA A 14 7.87 -7.34 13.91
C ALA A 14 7.19 -6.12 14.53
N GLY A 15 6.94 -5.12 13.69
CA GLY A 15 6.27 -3.90 14.14
C GLY A 15 5.54 -3.19 13.02
N LEU A 16 4.48 -2.47 13.40
CA LEU A 16 3.64 -1.74 12.46
C LEU A 16 3.37 -0.34 12.97
N GLY A 17 3.28 0.61 12.05
CA GLY A 17 3.05 2.02 12.39
C GLY A 17 2.19 2.73 11.37
N ARG A 18 1.59 3.83 11.80
CA ARG A 18 0.69 4.61 10.95
C ARG A 18 0.82 6.08 11.32
N TYR A 19 0.71 6.94 10.30
CA TYR A 19 0.43 8.34 10.52
C TYR A 19 -0.67 8.77 9.56
N VAL A 20 -1.69 9.43 10.10
CA VAL A 20 -2.67 10.08 9.28
C VAL A 20 -2.84 11.53 9.73
N PRO A 21 -3.11 12.45 8.78
CA PRO A 21 -3.44 13.81 9.22
C PRO A 21 -4.58 13.83 10.23
N ALA A 22 -4.52 14.81 11.13
CA ALA A 22 -5.40 14.86 12.29
C ALA A 22 -6.85 15.25 12.01
N ASP A 23 -7.07 15.99 10.92
CA ASP A 23 -8.40 16.53 10.67
C ASP A 23 -9.20 15.64 9.75
N VAL A 24 -10.39 15.26 10.22
CA VAL A 24 -11.30 14.41 9.46
C VAL A 24 -12.05 15.30 8.47
N VAL A 25 -12.04 14.90 7.20
CA VAL A 25 -12.85 15.53 6.18
C VAL A 25 -14.03 14.60 5.90
N LEU A 26 -15.20 14.99 6.39
CA LEU A 26 -16.40 14.17 6.26
C LEU A 26 -16.94 14.27 4.84
N SER A 27 -17.34 13.13 4.29
CA SER A 27 -18.04 13.11 3.01
C SER A 27 -19.27 14.00 3.03
N SER A 28 -20.00 14.02 4.15
CA SER A 28 -21.17 14.88 4.28
C SER A 28 -20.82 16.36 4.06
N ASP A 29 -19.67 16.80 4.56
CA ASP A 29 -19.30 18.22 4.40
C ASP A 29 -18.87 18.53 2.97
N LEU A 30 -18.19 17.59 2.32
CA LEU A 30 -17.83 17.74 0.92
C LEU A 30 -19.08 17.82 0.03
N GLU A 31 -20.09 17.00 0.35
CA GLU A 31 -21.35 16.99 -0.39
C GLU A 31 -22.09 18.32 -0.26
N LYS A 32 -22.10 18.88 0.95
CA LYS A 32 -22.74 20.18 1.18
C LYS A 32 -21.99 21.29 0.44
N LYS A 33 -20.66 21.28 0.52
CA LYS A 33 -19.83 22.30 -0.11
C LYS A 33 -19.93 22.32 -1.62
N TYR A 34 -19.89 21.14 -2.23
CA TYR A 34 -19.77 21.01 -3.68
C TYR A 34 -21.05 20.52 -4.35
N ASP A 35 -22.19 20.67 -3.66
CA ASP A 35 -23.52 20.38 -4.21
C ASP A 35 -23.70 18.97 -4.76
N LEU A 36 -23.17 17.98 -4.04
CA LEU A 36 -23.43 16.59 -4.36
C LEU A 36 -24.61 16.12 -3.52
N PRO A 37 -25.31 15.07 -3.98
CA PRO A 37 -26.41 14.57 -3.18
C PRO A 37 -25.92 14.00 -1.84
N PRO A 38 -26.66 14.22 -0.75
CA PRO A 38 -26.28 13.61 0.52
C PRO A 38 -26.17 12.08 0.37
N GLY A 39 -25.11 11.51 0.94
CA GLY A 39 -24.86 10.07 0.84
C GLY A 39 -24.16 9.59 -0.42
N TRP A 40 -23.83 10.51 -1.33
CA TRP A 40 -23.22 10.16 -2.62
C TRP A 40 -21.87 9.44 -2.46
N CYS A 41 -20.98 9.98 -1.63
CA CYS A 41 -19.67 9.36 -1.43
C CYS A 41 -19.76 7.94 -0.88
N VAL A 42 -20.62 7.73 0.10
CA VAL A 42 -20.79 6.38 0.68
C VAL A 42 -21.36 5.40 -0.35
N GLU A 43 -22.39 5.82 -1.08
CA GLU A 43 -23.03 4.91 -2.03
C GLU A 43 -22.13 4.62 -3.24
N LYS A 44 -21.54 5.67 -3.82
CA LYS A 44 -20.76 5.53 -5.04
C LYS A 44 -19.32 5.09 -4.80
N GLN A 45 -18.70 5.62 -3.73
CA GLN A 45 -17.28 5.39 -3.47
C GLN A 45 -17.01 4.48 -2.25
N GLY A 46 -18.00 4.28 -1.40
CA GLY A 46 -17.80 3.57 -0.13
C GLY A 46 -16.98 4.36 0.88
N ILE A 47 -16.98 5.68 0.77
CA ILE A 47 -16.09 6.53 1.57
C ILE A 47 -16.91 7.53 2.39
N ARG A 48 -16.80 7.40 3.71
CA ARG A 48 -17.52 8.26 4.66
C ARG A 48 -16.64 9.43 5.16
N GLU A 49 -15.33 9.18 5.23
CA GLU A 49 -14.34 10.15 5.72
C GLU A 49 -13.02 9.97 4.97
N ARG A 50 -12.19 11.01 5.02
CA ARG A 50 -10.78 10.87 4.66
C ARG A 50 -9.98 11.90 5.40
N ARG A 51 -8.66 11.78 5.33
CA ARG A 51 -7.75 12.73 5.95
C ARG A 51 -6.90 13.42 4.92
N TRP A 52 -6.79 14.74 5.01
CA TRP A 52 -5.93 15.50 4.12
C TRP A 52 -4.88 16.26 4.90
N VAL A 53 -3.65 16.30 4.39
CA VAL A 53 -2.58 17.02 5.06
C VAL A 53 -2.86 18.51 5.19
N LYS A 54 -2.28 19.08 6.25
CA LYS A 54 -2.13 20.51 6.39
C LYS A 54 -0.75 20.81 5.78
N ASP A 55 0.30 20.91 6.58
CA ASP A 55 1.62 21.26 6.07
C ASP A 55 2.62 20.10 6.01
N GLU A 56 2.18 18.87 6.32
CA GLU A 56 3.07 17.71 6.33
C GLU A 56 3.65 17.42 4.95
N THR A 57 4.93 17.02 4.94
CA THR A 57 5.51 16.37 3.77
C THR A 57 5.28 14.86 3.83
N ALA A 58 5.43 14.22 2.68
CA ALA A 58 5.33 12.77 2.63
C ALA A 58 6.40 12.11 3.52
N SER A 59 7.63 12.62 3.50
CA SER A 59 8.70 12.08 4.35
CA SER A 59 8.67 12.03 4.33
C SER A 59 8.37 12.24 5.82
N PHE A 60 7.77 13.37 6.17
CA PHE A 60 7.34 13.57 7.56
C PHE A 60 6.37 12.48 7.98
N MET A 61 5.33 12.24 7.16
CA MET A 61 4.33 11.24 7.53
C MET A 61 4.95 9.85 7.60
N GLY A 62 5.83 9.56 6.64
CA GLY A 62 6.52 8.28 6.61
C GLY A 62 7.37 8.06 7.85
N ALA A 63 8.06 9.11 8.29
CA ALA A 63 8.92 9.02 9.46
C ALA A 63 8.10 8.82 10.73
N GLU A 64 6.96 9.52 10.82
CA GLU A 64 6.06 9.29 11.97
C GLU A 64 5.58 7.84 12.04
N ALA A 65 5.16 7.30 10.91
CA ALA A 65 4.72 5.90 10.85
C ALA A 65 5.87 4.95 11.20
N ALA A 66 7.05 5.24 10.68
CA ALA A 66 8.22 4.43 10.91
C ALA A 66 8.60 4.39 12.38
N LYS A 67 8.61 5.54 13.04
CA LYS A 67 8.94 5.57 14.46
C LYS A 67 8.00 4.69 15.28
N GLU A 68 6.71 4.74 14.96
CA GLU A 68 5.75 3.87 15.64
C GLU A 68 6.07 2.40 15.41
N ALA A 69 6.39 2.04 14.16
CA ALA A 69 6.70 0.65 13.85
C ALA A 69 7.96 0.17 14.57
N VAL A 70 8.97 1.04 14.66
CA VAL A 70 10.23 0.70 15.32
C VAL A 70 9.96 0.49 16.83
N ARG A 71 9.20 1.39 17.46
CA ARG A 71 8.78 1.16 18.85
C ARG A 71 8.00 -0.14 19.02
N ASP A 72 7.11 -0.44 18.08
CA ASP A 72 6.23 -1.61 18.16
C ASP A 72 7.05 -2.90 18.13
N ALA A 73 8.15 -2.86 17.39
CA ALA A 73 9.10 -3.97 17.27
C ALA A 73 10.04 -4.11 18.48
N GLY A 74 9.96 -3.18 19.43
CA GLY A 74 10.84 -3.20 20.61
C GLY A 74 12.26 -2.78 20.29
N LEU A 75 12.42 -1.94 19.26
CA LEU A 75 13.73 -1.55 18.75
C LEU A 75 13.95 -0.05 18.92
N LYS A 76 15.20 0.36 18.74
CA LYS A 76 15.55 1.77 18.61
C LYS A 76 15.82 2.06 17.14
N LEU A 77 15.71 3.32 16.75
CA LEU A 77 15.96 3.69 15.35
C LEU A 77 17.35 3.26 14.87
N GLU A 78 18.34 3.35 15.76
CA GLU A 78 19.70 2.94 15.45
C GLU A 78 19.87 1.44 15.12
N ASP A 79 18.86 0.62 15.41
CA ASP A 79 18.91 -0.83 15.16
C ASP A 79 18.52 -1.18 13.72
N ILE A 80 17.88 -0.26 13.01
CA ILE A 80 17.44 -0.52 11.64
C ILE A 80 18.67 -0.54 10.75
N ASP A 81 18.79 -1.55 9.89
CA ASP A 81 19.95 -1.67 9.01
C ASP A 81 19.67 -1.55 7.49
N LEU A 82 18.39 -1.37 7.13
CA LEU A 82 18.00 -1.07 5.75
C LEU A 82 16.65 -0.38 5.79
N ILE A 83 16.51 0.70 5.01
CA ILE A 83 15.26 1.38 4.86
C ILE A 83 14.81 1.25 3.41
N ILE A 84 13.58 0.81 3.24
CA ILE A 84 12.97 0.75 1.91
C ILE A 84 11.74 1.64 1.87
N ASN A 85 11.80 2.71 1.09
CA ASN A 85 10.64 3.50 0.74
C ASN A 85 9.85 2.75 -0.31
N ALA A 86 8.54 2.63 -0.11
CA ALA A 86 7.65 1.83 -0.95
C ALA A 86 6.31 2.56 -1.07
N SER A 87 6.37 3.77 -1.58
CA SER A 87 5.19 4.61 -1.72
C SER A 87 4.64 4.53 -3.15
N GLY A 88 3.41 4.99 -3.34
CA GLY A 88 2.79 4.98 -4.67
C GLY A 88 3.10 6.22 -5.50
N SER A 89 3.73 7.22 -4.89
CA SER A 89 4.07 8.47 -5.58
C SER A 89 5.34 9.08 -4.98
N PRO A 90 6.09 9.85 -5.78
CA PRO A 90 7.30 10.47 -5.25
C PRO A 90 7.09 11.80 -4.54
N GLU A 91 7.93 12.10 -3.55
CA GLU A 91 7.95 13.41 -2.89
C GLU A 91 8.55 14.48 -3.80
N GLN A 92 9.59 14.07 -4.53
CA GLN A 92 10.29 14.93 -5.46
C GLN A 92 11.06 14.04 -6.43
N ALA A 93 11.68 14.64 -7.44
CA ALA A 93 12.33 13.85 -8.49
C ALA A 93 13.66 13.23 -8.05
N VAL A 94 14.49 14.01 -7.36
CA VAL A 94 15.82 13.55 -6.91
C VAL A 94 15.98 13.99 -5.46
N PRO A 95 16.84 13.26 -4.72
CA PRO A 95 16.74 11.84 -4.49
C PRO A 95 15.39 11.18 -4.33
N ASP A 96 15.46 9.85 -4.32
CA ASP A 96 14.28 9.04 -4.08
C ASP A 96 13.87 9.18 -2.62
N GLY A 97 12.70 8.63 -2.30
CA GLY A 97 12.15 8.77 -0.96
C GLY A 97 12.89 8.09 0.17
N GLY A 98 13.77 7.13 -0.14
CA GLY A 98 14.53 6.43 0.89
C GLY A 98 15.42 7.36 1.69
N PRO A 99 16.35 8.05 1.02
CA PRO A 99 17.19 9.01 1.74
C PRO A 99 16.40 10.12 2.42
N LEU A 100 15.28 10.51 1.83
CA LEU A 100 14.48 11.58 2.42
C LEU A 100 13.83 11.15 3.73
N VAL A 101 13.29 9.93 3.79
CA VAL A 101 12.73 9.46 5.07
C VAL A 101 13.85 9.16 6.10
N GLN A 102 14.99 8.67 5.62
CA GLN A 102 16.15 8.47 6.50
C GLN A 102 16.53 9.77 7.19
N ARG A 103 16.62 10.85 6.40
CA ARG A 103 16.94 12.17 6.94
C ARG A 103 15.89 12.62 7.94
N GLU A 104 14.62 12.44 7.58
CA GLU A 104 13.52 12.86 8.42
C GLU A 104 13.53 12.13 9.77
N LEU A 105 13.99 10.88 9.77
CA LEU A 105 14.09 10.07 10.98
C LEU A 105 15.26 10.45 11.89
N GLY A 106 16.10 11.40 11.48
CA GLY A 106 17.30 11.73 12.24
C GLY A 106 18.47 10.79 11.99
N LEU A 107 18.34 9.95 10.96
CA LEU A 107 19.36 8.98 10.61
C LEU A 107 20.21 9.40 9.41
N GLY A 108 20.19 10.70 9.08
CA GLY A 108 20.90 11.24 7.92
C GLY A 108 22.40 11.07 7.90
N ARG A 109 23.02 10.90 9.06
CA ARG A 109 24.45 10.63 9.15
C ARG A 109 24.78 9.18 9.51
N SER A 110 23.79 8.31 9.44
CA SER A 110 23.90 6.93 9.93
C SER A 110 24.61 5.96 8.99
N GLY A 111 24.59 6.26 7.70
CA GLY A 111 25.09 5.34 6.69
C GLY A 111 24.12 4.21 6.33
N VAL A 112 22.97 4.15 6.99
CA VAL A 112 22.05 3.02 6.78
C VAL A 112 21.48 3.11 5.36
N PRO A 113 21.71 2.06 4.54
CA PRO A 113 21.22 2.15 3.16
C PRO A 113 19.71 2.39 3.12
N SER A 114 19.33 3.36 2.31
CA SER A 114 17.94 3.76 2.15
C SER A 114 17.63 3.91 0.66
N ILE A 115 16.71 3.07 0.20
CA ILE A 115 16.39 2.89 -1.21
C ILE A 115 14.89 2.93 -1.44
N THR A 116 14.48 2.88 -2.70
CA THR A 116 13.06 2.82 -3.05
C THR A 116 12.76 1.60 -3.91
N VAL A 117 11.67 0.92 -3.57
CA VAL A 117 11.09 -0.11 -4.42
C VAL A 117 9.80 0.49 -4.97
N ASN A 118 9.66 0.46 -6.28
CA ASN A 118 8.56 1.11 -6.97
C ASN A 118 7.83 0.09 -7.85
N ALA A 119 6.69 -0.38 -7.36
CA ALA A 119 5.75 -1.14 -8.17
C ALA A 119 4.43 -0.38 -8.18
N SER A 120 4.54 0.94 -8.38
CA SER A 120 3.41 1.85 -8.36
C SER A 120 2.60 1.67 -7.05
N LEU A 122 1.48 -0.89 -5.68
CA LEU A 122 1.72 -2.12 -4.97
C LEU A 122 3.16 -2.19 -4.49
N SER A 123 3.81 -1.04 -4.35
CA SER A 123 5.20 -0.99 -3.92
C SER A 123 5.41 -1.63 -2.56
N PHE A 124 4.47 -1.42 -1.62
CA PHE A 124 4.61 -2.02 -0.30
C PHE A 124 4.73 -3.54 -0.39
N PHE A 125 3.85 -4.14 -1.18
CA PHE A 125 3.89 -5.58 -1.39
C PHE A 125 5.24 -6.04 -1.90
N VAL A 126 5.72 -5.41 -2.96
CA VAL A 126 6.97 -5.85 -3.57
C VAL A 126 8.15 -5.63 -2.61
N ALA A 127 8.09 -4.54 -1.85
CA ALA A 127 9.10 -4.30 -0.81
C ALA A 127 9.12 -5.42 0.25
N LEU A 128 7.96 -5.94 0.66
CA LEU A 128 7.95 -7.07 1.61
C LEU A 128 8.72 -8.26 1.03
N ASP A 129 8.45 -8.54 -0.23
CA ASP A 129 9.10 -9.62 -0.93
CA ASP A 129 9.13 -9.60 -0.98
C ASP A 129 10.62 -9.40 -0.99
N VAL A 130 11.05 -8.22 -1.40
CA VAL A 130 12.45 -7.90 -1.49
C VAL A 130 13.11 -8.02 -0.11
N ALA A 131 12.43 -7.51 0.90
CA ALA A 131 12.91 -7.61 2.27
C ALA A 131 13.04 -9.05 2.74
N ALA A 132 12.05 -9.89 2.44
CA ALA A 132 12.10 -11.30 2.79
C ALA A 132 13.37 -11.97 2.27
N ASN A 133 13.75 -11.63 1.04
CA ASN A 133 14.96 -12.21 0.48
C ASN A 133 16.23 -11.70 1.13
N TYR A 134 16.32 -10.38 1.36
CA TYR A 134 17.45 -9.83 2.12
C TYR A 134 17.59 -10.50 3.49
N LEU A 135 16.47 -10.68 4.18
CA LEU A 135 16.49 -11.30 5.52
C LEU A 135 16.98 -12.74 5.48
N ASN A 136 16.44 -13.54 4.55
CA ASN A 136 16.79 -14.95 4.47
C ASN A 136 18.17 -15.22 3.88
N MET A 137 18.72 -14.24 3.17
CA MET A 137 20.09 -14.30 2.71
C MET A 137 21.07 -13.75 3.76
N ARG A 138 20.52 -13.31 4.90
CA ARG A 138 21.32 -12.81 6.03
C ARG A 138 22.13 -11.54 5.70
N ARG A 139 21.62 -10.76 4.73
CA ARG A 139 22.29 -9.52 4.31
CA ARG A 139 22.28 -9.52 4.29
C ARG A 139 21.98 -8.39 5.28
N TYR A 140 20.74 -8.34 5.74
CA TYR A 140 20.26 -7.36 6.71
C TYR A 140 19.36 -8.09 7.70
N LYS A 141 19.18 -7.49 8.87
CA LYS A 141 18.46 -8.14 9.98
C LYS A 141 17.16 -7.43 10.38
N ARG A 142 17.09 -6.12 10.20
CA ARG A 142 15.98 -5.31 10.73
C ARG A 142 15.62 -4.22 9.72
N ILE A 143 14.65 -4.54 8.88
CA ILE A 143 14.36 -3.76 7.69
C ILE A 143 13.09 -2.94 7.89
N LEU A 144 13.19 -1.65 7.65
CA LEU A 144 12.05 -0.74 7.73
C LEU A 144 11.49 -0.51 6.34
N ILE A 145 10.18 -0.72 6.19
CA ILE A 145 9.45 -0.46 4.95
C ILE A 145 8.44 0.65 5.21
N VAL A 146 8.52 1.72 4.43
CA VAL A 146 7.68 2.91 4.65
C VAL A 146 6.87 3.23 3.39
N SER A 147 5.56 3.40 3.53
CA SER A 147 4.69 3.79 2.42
C SER A 147 3.91 5.03 2.81
N SER A 148 4.24 6.16 2.21
CA SER A 148 3.61 7.43 2.55
C SER A 148 3.17 8.13 1.29
N ASP A 149 1.90 8.50 1.23
CA ASP A 149 1.37 9.14 0.04
C ASP A 149 0.45 10.31 0.36
N ILE A 150 0.74 11.42 -0.31
CA ILE A 150 -0.11 12.60 -0.28
C ILE A 150 -0.73 12.71 -1.66
N SER A 151 -2.00 12.34 -1.76
CA SER A 151 -2.75 12.44 -3.01
C SER A 151 -3.55 13.73 -3.09
N SER A 152 -3.79 14.38 -1.95
CA SER A 152 -4.63 15.56 -1.90
C SER A 152 -4.07 16.72 -2.75
N VAL A 153 -2.78 16.67 -3.08
CA VAL A 153 -2.16 17.63 -4.01
C VAL A 153 -2.74 17.55 -5.43
N ALA A 154 -3.14 16.34 -5.84
CA ALA A 154 -3.65 16.11 -7.19
C ALA A 154 -5.17 16.20 -7.29
N LEU A 155 -5.83 16.84 -6.30
CA LEU A 155 -7.29 16.92 -6.31
C LEU A 155 -7.82 17.94 -7.29
N ASP A 156 -8.92 17.59 -7.94
CA ASP A 156 -9.56 18.41 -8.96
C ASP A 156 -10.99 18.61 -8.50
N PHE A 157 -11.28 19.79 -7.93
CA PHE A 157 -12.57 20.06 -7.32
C PHE A 157 -13.69 20.38 -8.33
N ARG A 158 -13.44 20.04 -9.58
CA ARG A 158 -14.47 20.09 -10.63
C ARG A 158 -14.99 18.68 -10.94
N LYS A 159 -14.27 17.66 -10.49
CA LYS A 159 -14.62 16.26 -10.78
C LYS A 159 -14.84 15.47 -9.48
N PRO A 160 -16.13 15.24 -9.12
CA PRO A 160 -16.49 14.50 -7.90
C PRO A 160 -15.88 13.11 -7.79
N GLU A 161 -15.81 12.39 -8.90
CA GLU A 161 -15.16 11.09 -8.94
C GLU A 161 -13.67 11.15 -8.57
N ASN A 162 -13.08 12.36 -8.64
CA ASN A 162 -11.72 12.57 -8.20
C ASN A 162 -11.64 13.07 -6.74
N PHE A 163 -12.20 14.26 -6.47
CA PHE A 163 -11.94 14.93 -5.19
C PHE A 163 -12.55 14.23 -3.97
N THR A 164 -13.54 13.37 -4.19
CA THR A 164 -14.11 12.55 -3.10
C THR A 164 -13.41 11.19 -2.92
N LEU A 165 -12.51 10.84 -3.82
CA LEU A 165 -11.91 9.50 -3.84
C LEU A 165 -10.61 9.38 -3.04
N PHE A 166 -9.82 10.45 -2.99
CA PHE A 166 -8.44 10.39 -2.54
C PHE A 166 -8.24 10.87 -1.11
N GLY A 167 -7.38 10.16 -0.39
CA GLY A 167 -6.97 10.52 0.96
C GLY A 167 -5.48 10.43 1.11
N ASP A 168 -4.97 11.02 2.20
CA ASP A 168 -3.56 11.01 2.55
C ASP A 168 -3.32 10.10 3.76
N ALA A 169 -2.21 9.36 3.73
CA ALA A 169 -1.83 8.44 4.82
C ALA A 169 -0.43 7.89 4.64
N ALA A 170 0.16 7.45 5.76
CA ALA A 170 1.42 6.70 5.75
C ALA A 170 1.27 5.50 6.65
N ALA A 171 1.91 4.41 6.26
CA ALA A 171 2.01 3.25 7.12
C ALA A 171 3.38 2.63 6.93
N ALA A 172 3.84 1.90 7.94
CA ALA A 172 5.17 1.35 7.93
C ALA A 172 5.23 0.02 8.64
N ALA A 173 6.21 -0.81 8.25
CA ALA A 173 6.46 -2.08 8.91
C ALA A 173 7.95 -2.25 9.15
N VAL A 174 8.28 -2.91 10.26
CA VAL A 174 9.62 -3.41 10.51
C VAL A 174 9.54 -4.92 10.37
N VAL A 175 10.40 -5.47 9.52
CA VAL A 175 10.39 -6.90 9.25
C VAL A 175 11.75 -7.49 9.62
N THR A 176 11.70 -8.67 10.22
CA THR A 176 12.87 -9.39 10.70
C THR A 176 12.69 -10.88 10.46
N LEU A 177 13.73 -11.67 10.71
CA LEU A 177 13.54 -13.11 10.81
C LEU A 177 12.82 -13.41 12.12
N PRO A 178 12.05 -14.51 12.17
CA PRO A 178 11.42 -14.90 13.43
C PRO A 178 12.43 -15.42 14.45
N GLU A 179 12.07 -15.32 15.72
CA GLU A 179 12.86 -15.93 16.79
C GLU A 179 12.65 -17.44 16.77
N PRO A 180 13.55 -18.21 17.38
CA PRO A 180 13.34 -19.66 17.40
C PRO A 180 11.97 -20.04 17.99
N GLY A 181 11.29 -20.99 17.35
CA GLY A 181 9.97 -21.44 17.81
C GLY A 181 8.78 -20.66 17.30
N GLU A 182 9.03 -19.47 16.73
CA GLU A 182 7.98 -18.60 16.19
C GLU A 182 7.60 -19.07 14.79
N LYS A 183 6.30 -19.05 14.51
CA LYS A 183 5.74 -19.65 13.28
C LYS A 183 5.65 -18.66 12.10
N SER A 184 5.94 -17.39 12.36
CA SER A 184 5.79 -16.32 11.36
C SER A 184 6.50 -16.68 10.06
N CYS A 185 5.78 -16.65 8.94
CA CYS A 185 6.36 -17.04 7.66
C CYS A 185 5.48 -16.62 6.51
N ILE A 186 6.05 -16.68 5.30
CA ILE A 186 5.32 -16.51 4.05
C ILE A 186 5.12 -17.88 3.42
N HIS A 187 3.87 -18.27 3.17
CA HIS A 187 3.54 -19.58 2.59
C HIS A 187 3.52 -19.53 1.08
N ALA A 188 3.23 -18.35 0.55
CA ALA A 188 3.07 -18.18 -0.88
C ALA A 188 3.19 -16.70 -1.22
N SER A 189 3.84 -16.39 -2.33
CA SER A 189 3.94 -15.02 -2.80
C SER A 189 4.03 -15.03 -4.31
N GLN A 190 3.33 -14.11 -4.94
CA GLN A 190 3.26 -14.06 -6.39
C GLN A 190 3.02 -12.64 -6.88
N VAL A 191 3.72 -12.28 -7.95
CA VAL A 191 3.56 -11.01 -8.63
C VAL A 191 3.49 -11.31 -10.13
N ARG A 192 2.49 -10.76 -10.81
CA ARG A 192 2.42 -10.86 -12.27
C ARG A 192 2.09 -9.50 -12.83
N THR A 193 2.66 -9.20 -13.98
CA THR A 193 2.48 -7.91 -14.61
C THR A 193 1.98 -8.08 -16.04
N TYR A 194 0.98 -7.28 -16.39
CA TYR A 194 0.42 -7.23 -17.74
C TYR A 194 0.51 -5.80 -18.25
N GLY A 195 1.69 -5.46 -18.78
CA GLY A 195 2.00 -4.12 -19.26
C GLY A 195 1.18 -3.66 -20.44
N TYR A 196 0.48 -4.58 -21.11
CA TYR A 196 -0.46 -4.14 -22.12
C TYR A 196 -1.53 -3.24 -21.52
N GLY A 197 -1.74 -3.37 -20.21
CA GLY A 197 -2.69 -2.54 -19.50
C GLY A 197 -2.15 -1.21 -18.97
N ALA A 198 -0.89 -0.90 -19.27
CA ALA A 198 -0.27 0.34 -18.78
C ALA A 198 -1.13 1.55 -19.15
N GLU A 199 -1.60 1.60 -20.38
CA GLU A 199 -2.38 2.74 -20.87
C GLU A 199 -3.76 2.92 -20.22
N PHE A 200 -4.26 1.88 -19.55
CA PHE A 200 -5.60 1.91 -18.94
C PHE A 200 -5.60 2.45 -17.51
N SER A 201 -4.42 2.74 -16.98
CA SER A 201 -4.26 3.41 -15.69
C SER A 201 -2.87 4.03 -15.65
N MET A 202 -2.79 5.31 -16.01
CA MET A 202 -1.50 5.96 -16.15
C MET A 202 -1.61 7.46 -15.95
N VAL A 203 -0.45 8.03 -15.70
CA VAL A 203 -0.26 9.46 -15.63
C VAL A 203 0.87 9.72 -16.63
N PRO A 204 0.56 10.34 -17.79
CA PRO A 204 1.58 10.44 -18.84
C PRO A 204 2.66 11.49 -18.58
N GLY A 205 2.38 12.45 -17.70
CA GLY A 205 3.36 13.49 -17.35
C GLY A 205 4.30 13.00 -16.26
N GLY A 206 5.11 13.93 -15.73
CA GLY A 206 6.00 13.64 -14.61
C GLY A 206 7.24 12.82 -14.96
N GLY A 207 7.68 12.88 -16.22
CA GLY A 207 8.90 12.19 -16.62
C GLY A 207 9.46 12.70 -17.94
N SER A 208 10.30 11.88 -18.55
CA SER A 208 10.96 12.25 -19.79
C SER A 208 10.05 12.22 -21.02
N ARG A 209 9.01 11.38 -20.99
CA ARG A 209 8.14 11.21 -22.17
C ARG A 209 7.43 12.52 -22.54
N ARG A 210 6.87 13.18 -21.51
CA ARG A 210 6.20 14.45 -21.68
C ARG A 210 6.73 15.42 -20.62
N HIS A 211 8.00 15.80 -20.79
CA HIS A 211 8.68 16.66 -19.83
C HIS A 211 8.06 18.06 -19.87
N PRO A 212 7.79 18.67 -18.70
CA PRO A 212 7.07 19.94 -18.54
C PRO A 212 7.01 20.89 -19.74
N ASN A 213 8.06 20.94 -20.56
CA ASN A 213 7.94 21.56 -21.88
C ASN A 213 8.95 21.01 -22.90
N GLY A 214 8.52 19.96 -23.60
CA GLY A 214 9.22 19.44 -24.77
C GLY A 214 8.34 19.65 -25.99
N LYS A 215 8.22 18.63 -26.84
CA LYS A 215 7.37 18.71 -28.03
C LYS A 215 6.22 17.69 -28.02
N ASN A 216 6.01 17.03 -26.88
CA ASN A 216 5.01 15.95 -26.76
C ASN A 216 4.02 16.16 -25.61
N THR A 217 3.86 17.41 -25.16
CA THR A 217 2.99 17.72 -24.04
C THR A 217 1.56 18.00 -24.51
N THR A 218 0.60 17.43 -23.78
CA THR A 218 -0.82 17.70 -24.01
C THR A 218 -1.43 18.35 -22.75
N PRO A 219 -2.61 18.97 -22.86
CA PRO A 219 -3.28 19.59 -21.72
C PRO A 219 -3.48 18.70 -20.48
N GLU A 220 -3.73 17.40 -20.65
CA GLU A 220 -4.14 16.53 -19.54
C GLU A 220 -3.03 15.65 -18.93
N ASP A 221 -1.77 16.06 -19.05
CA ASP A 221 -0.63 15.17 -18.71
C ASP A 221 -0.48 14.78 -17.23
N ASN A 222 -0.91 15.61 -16.30
CA ASN A 222 -0.67 15.36 -14.86
C ASN A 222 -1.80 14.67 -14.09
N TYR A 223 -2.87 14.28 -14.77
CA TYR A 223 -3.97 13.57 -14.12
C TYR A 223 -4.03 12.11 -14.52
N LEU A 224 -4.67 11.30 -13.66
CA LEU A 224 -4.80 9.86 -13.88
C LEU A 224 -5.78 9.59 -15.02
N HIS A 225 -5.29 8.91 -16.06
CA HIS A 225 -6.10 8.41 -17.16
C HIS A 225 -6.48 6.97 -16.82
N MET A 226 -7.76 6.73 -16.58
CA MET A 226 -8.24 5.40 -16.20
C MET A 226 -9.32 4.91 -17.16
N ASN A 227 -9.18 3.66 -17.59
CA ASN A 227 -10.21 2.97 -18.36
C ASN A 227 -10.64 1.74 -17.56
N GLY A 228 -11.68 1.92 -16.75
CA GLY A 228 -12.13 0.90 -15.80
C GLY A 228 -12.61 -0.36 -16.47
N ALA A 229 -13.31 -0.22 -17.60
CA ALA A 229 -13.82 -1.39 -18.34
C ALA A 229 -12.68 -2.25 -18.87
N GLU A 230 -11.66 -1.61 -19.43
CA GLU A 230 -10.49 -2.33 -19.94
C GLU A 230 -9.65 -2.93 -18.82
N LEU A 231 -9.55 -2.23 -17.69
CA LEU A 231 -8.88 -2.81 -16.51
C LEU A 231 -9.56 -4.09 -16.05
N LEU A 232 -10.89 -4.08 -15.99
CA LEU A 232 -11.64 -5.28 -15.61
C LEU A 232 -11.39 -6.44 -16.56
N LYS A 233 -11.33 -6.18 -17.86
CA LYS A 233 -11.05 -7.24 -18.84
C LYS A 233 -9.72 -7.93 -18.54
N ILE A 234 -8.73 -7.19 -18.05
CA ILE A 234 -7.45 -7.79 -17.71
C ILE A 234 -7.66 -8.76 -16.52
N GLY A 235 -8.47 -8.33 -15.55
CA GLY A 235 -8.88 -9.21 -14.45
C GLY A 235 -9.60 -10.45 -14.92
N PHE A 236 -10.60 -10.29 -15.77
CA PHE A 236 -11.34 -11.43 -16.31
C PHE A 236 -10.41 -12.47 -16.93
N GLU A 237 -9.42 -12.00 -17.67
CA GLU A 237 -8.58 -12.90 -18.45
C GLU A 237 -7.52 -13.59 -17.60
N TYR A 238 -6.95 -12.87 -16.63
CA TYR A 238 -5.75 -13.33 -15.96
C TYR A 238 -5.86 -13.59 -14.45
N LEU A 239 -6.90 -13.10 -13.80
CA LEU A 239 -7.00 -13.29 -12.34
C LEU A 239 -7.23 -14.74 -11.93
N PRO A 240 -8.11 -15.46 -12.65
CA PRO A 240 -8.31 -16.85 -12.19
C PRO A 240 -7.04 -17.71 -12.20
N ARG A 241 -6.23 -17.59 -13.25
CA ARG A 241 -4.98 -18.32 -13.30
C ARG A 241 -3.99 -17.80 -12.27
N PHE A 242 -4.03 -16.50 -11.99
CA PHE A 242 -3.17 -15.92 -10.94
C PHE A 242 -3.46 -16.59 -9.61
N ASN A 243 -4.72 -16.61 -9.23
CA ASN A 243 -5.13 -17.17 -7.95
C ASN A 243 -4.84 -18.67 -7.86
N GLU A 244 -5.08 -19.42 -8.92
CA GLU A 244 -4.76 -20.84 -8.96
C GLU A 244 -3.27 -21.07 -8.68
N ALA A 245 -2.42 -20.30 -9.36
CA ALA A 245 -0.97 -20.44 -9.23
C ALA A 245 -0.49 -20.04 -7.82
N LEU A 246 -1.12 -19.04 -7.22
CA LEU A 246 -0.75 -18.60 -5.88
C LEU A 246 -1.00 -19.73 -4.86
N TRP A 247 -2.22 -20.25 -4.85
CA TRP A 247 -2.58 -21.26 -3.85
C TRP A 247 -1.91 -22.61 -4.08
N LYS A 248 -1.46 -22.89 -5.31
CA LYS A 248 -0.67 -24.10 -5.57
C LYS A 248 0.69 -24.09 -4.86
N GLN A 249 1.18 -22.91 -4.50
CA GLN A 249 2.44 -22.78 -3.77
C GLN A 249 2.35 -23.31 -2.34
N CYS A 250 1.14 -23.29 -1.78
CA CYS A 250 0.92 -23.73 -0.40
C CYS A 250 -0.25 -24.71 -0.34
N PRO A 251 -0.08 -25.90 -0.96
CA PRO A 251 -1.17 -26.87 -1.11
C PRO A 251 -1.83 -27.29 0.21
N ASP A 252 -1.12 -27.15 1.31
CA ASP A 252 -1.62 -27.55 2.63
C ASP A 252 -2.40 -26.44 3.35
N ILE A 253 -2.58 -25.30 2.69
CA ILE A 253 -3.24 -24.15 3.30
C ILE A 253 -4.22 -23.58 2.28
N THR A 254 -5.46 -23.34 2.71
CA THR A 254 -6.48 -22.73 1.83
C THR A 254 -7.02 -21.47 2.47
N ILE A 255 -7.88 -20.78 1.73
CA ILE A 255 -8.48 -19.54 2.20
C ILE A 255 -9.25 -19.76 3.52
N LYS A 256 -9.78 -20.96 3.70
CA LYS A 256 -10.47 -21.35 4.95
C LYS A 256 -9.57 -21.31 6.19
N ASP A 257 -8.27 -21.43 5.99
CA ASP A 257 -7.30 -21.40 7.09
C ASP A 257 -6.83 -19.99 7.45
N CYS A 258 -7.32 -18.98 6.71
CA CYS A 258 -6.89 -17.60 6.86
C CYS A 258 -7.97 -16.75 7.52
N ARG A 259 -7.59 -16.00 8.55
CA ARG A 259 -8.55 -15.18 9.30
C ARG A 259 -8.96 -13.93 8.54
N TYR A 260 -7.99 -13.28 7.88
CA TYR A 260 -8.25 -12.03 7.18
C TYR A 260 -7.73 -12.00 5.75
N VAL A 261 -8.51 -11.37 4.89
CA VAL A 261 -8.06 -10.91 3.59
C VAL A 261 -7.80 -9.43 3.74
N ILE A 262 -6.62 -9.01 3.30
CA ILE A 262 -6.09 -7.68 3.56
C ILE A 262 -5.74 -7.05 2.20
N PRO A 263 -6.71 -6.36 1.60
CA PRO A 263 -6.52 -5.93 0.21
C PRO A 263 -6.04 -4.49 0.05
N HIS A 264 -5.20 -4.29 -0.95
CA HIS A 264 -5.08 -2.97 -1.58
C HIS A 264 -6.48 -2.57 -2.01
N GLN A 265 -6.93 -1.37 -1.59
CA GLN A 265 -8.35 -1.00 -1.79
C GLN A 265 -8.49 0.45 -2.29
N PRO A 266 -8.13 0.68 -3.57
CA PRO A 266 -8.22 2.00 -4.18
C PRO A 266 -9.64 2.42 -4.56
N SER A 267 -10.55 1.46 -4.58
CA SER A 267 -11.97 1.74 -4.79
C SER A 267 -12.81 0.68 -4.11
N ARG A 268 -14.12 0.90 -4.07
CA ARG A 268 -15.01 -0.06 -3.41
C ARG A 268 -15.16 -1.38 -4.17
N VAL A 269 -14.73 -1.43 -5.42
CA VAL A 269 -14.93 -2.61 -6.27
C VAL A 269 -14.28 -3.87 -5.70
N VAL A 270 -13.02 -3.76 -5.27
CA VAL A 270 -12.37 -4.94 -4.71
C VAL A 270 -13.09 -5.42 -3.44
N LEU A 271 -13.55 -4.49 -2.61
CA LEU A 271 -14.24 -4.86 -1.38
C LEU A 271 -15.62 -5.46 -1.69
N ASP A 272 -16.30 -4.92 -2.70
CA ASP A 272 -17.59 -5.47 -3.13
C ASP A 272 -17.45 -6.91 -3.63
N TYR A 273 -16.43 -7.15 -4.45
CA TYR A 273 -16.14 -8.49 -4.93
C TYR A 273 -15.92 -9.47 -3.77
N LEU A 274 -15.03 -9.07 -2.85
CA LEU A 274 -14.70 -9.87 -1.68
C LEU A 274 -15.92 -10.07 -0.77
N SER A 275 -16.76 -9.05 -0.65
CA SER A 275 -17.95 -9.13 0.21
C SER A 275 -19.02 -10.08 -0.31
N LEU A 276 -19.08 -10.27 -1.64
CA LEU A 276 -19.95 -11.27 -2.20
C LEU A 276 -19.46 -12.70 -1.95
N THR A 277 -18.16 -12.83 -1.66
CA THR A 277 -17.51 -14.14 -1.52
C THR A 277 -17.31 -14.58 -0.07
N TYR A 278 -16.96 -13.62 0.79
CA TYR A 278 -16.57 -13.92 2.15
C TYR A 278 -17.40 -13.17 3.16
N PRO A 279 -17.54 -13.73 4.37
CA PRO A 279 -18.15 -13.00 5.46
C PRO A 279 -17.46 -11.66 5.70
N ASP A 280 -18.24 -10.65 6.08
CA ASP A 280 -17.70 -9.31 6.32
C ASP A 280 -16.52 -9.32 7.28
N ASP A 281 -16.57 -10.16 8.31
CA ASP A 281 -15.56 -10.19 9.36
C ASP A 281 -14.21 -10.68 8.86
N LYS A 282 -14.19 -11.29 7.68
CA LYS A 282 -12.96 -11.78 7.09
C LYS A 282 -12.21 -10.69 6.33
N LEU A 283 -12.90 -9.58 6.04
CA LEU A 283 -12.35 -8.55 5.17
C LEU A 283 -11.92 -7.34 5.98
N VAL A 284 -10.72 -6.85 5.71
CA VAL A 284 -10.20 -5.69 6.43
C VAL A 284 -10.41 -4.44 5.57
N ARG A 285 -11.22 -3.52 6.07
CA ARG A 285 -11.64 -2.34 5.34
C ARG A 285 -11.07 -1.08 5.97
N ILE A 286 -10.44 -0.25 5.14
CA ILE A 286 -9.94 1.07 5.56
C ILE A 286 -10.41 2.19 4.64
N ILE A 287 -10.88 1.88 3.42
CA ILE A 287 -11.28 2.91 2.47
C ILE A 287 -12.41 3.79 3.01
N ASP A 288 -13.26 3.22 3.88
CA ASP A 288 -14.39 3.95 4.44
C ASP A 288 -14.00 5.18 5.24
N ARG A 289 -12.85 5.12 5.89
CA ARG A 289 -12.36 6.20 6.75
C ARG A 289 -11.12 6.91 6.23
N PHE A 290 -10.38 6.29 5.30
CA PHE A 290 -9.13 6.86 4.80
C PHE A 290 -9.08 7.06 3.29
N ALA A 291 -10.14 6.63 2.60
CA ALA A 291 -10.26 6.79 1.15
C ALA A 291 -9.15 6.05 0.41
N ASN A 292 -8.98 6.37 -0.87
CA ASN A 292 -7.92 5.83 -1.68
C ASN A 292 -6.62 6.56 -1.33
N CYS A 293 -5.76 5.89 -0.57
CA CYS A 293 -4.47 6.47 -0.17
C CYS A 293 -3.30 5.82 -0.94
N ILE A 294 -3.60 5.39 -2.15
CA ILE A 294 -2.58 4.96 -3.13
C ILE A 294 -1.68 3.86 -2.55
N GLY A 295 -0.37 4.09 -2.51
CA GLY A 295 0.55 3.08 -2.06
C GLY A 295 0.43 2.73 -0.59
N ALA A 296 -0.18 3.61 0.20
CA ALA A 296 -0.39 3.36 1.63
C ALA A 296 -1.59 2.46 1.91
N SER A 297 -2.40 2.16 0.90
CA SER A 297 -3.66 1.44 1.12
C SER A 297 -3.47 0.07 1.77
N MET A 298 -2.64 -0.78 1.15
CA MET A 298 -2.41 -2.11 1.69
C MET A 298 -1.77 -2.10 3.09
N PRO A 299 -0.69 -1.31 3.30
CA PRO A 299 -0.12 -1.35 4.66
C PRO A 299 -1.04 -0.70 5.72
N MET A 300 -1.88 0.26 5.31
CA MET A 300 -2.93 0.78 6.20
C MET A 300 -3.87 -0.35 6.62
N ALA A 301 -4.24 -1.20 5.66
CA ALA A 301 -5.11 -2.33 5.96
C ALA A 301 -4.41 -3.39 6.84
N LEU A 302 -3.11 -3.58 6.63
CA LEU A 302 -2.33 -4.49 7.48
C LEU A 302 -2.26 -3.96 8.92
N TYR A 303 -2.00 -2.66 9.06
CA TYR A 303 -2.05 -2.00 10.37
C TYR A 303 -3.43 -2.24 11.02
N GLU A 304 -4.49 -2.01 10.25
CA GLU A 304 -5.85 -2.22 10.75
C GLU A 304 -6.10 -3.66 11.23
N ALA A 305 -5.65 -4.64 10.44
CA ALA A 305 -5.87 -6.06 10.77
C ALA A 305 -5.26 -6.43 12.11
N VAL A 306 -4.07 -5.91 12.39
CA VAL A 306 -3.38 -6.20 13.64
C VAL A 306 -3.88 -5.32 14.79
N LYS A 307 -3.94 -4.02 14.56
CA LYS A 307 -4.16 -3.07 15.65
C LYS A 307 -5.63 -2.83 16.01
N VAL A 308 -6.54 -3.14 15.06
CA VAL A 308 -7.97 -3.08 15.31
C VAL A 308 -8.63 -4.46 15.22
N GLY A 309 -8.25 -5.24 14.21
CA GLY A 309 -8.84 -6.57 14.01
C GLY A 309 -8.25 -7.67 14.88
N GLY A 310 -7.21 -7.36 15.65
CA GLY A 310 -6.66 -8.32 16.62
C GLY A 310 -6.04 -9.58 16.05
N LEU A 311 -5.50 -9.49 14.83
CA LEU A 311 -4.79 -10.62 14.22
C LEU A 311 -3.71 -11.10 15.18
N ARG A 312 -3.73 -12.39 15.51
CA ARG A 312 -2.81 -12.94 16.50
C ARG A 312 -1.67 -13.68 15.82
N ARG A 313 -0.52 -13.70 16.50
CA ARG A 313 0.59 -14.52 16.04
C ARG A 313 0.10 -15.96 15.91
N GLY A 314 0.38 -16.56 14.76
CA GLY A 314 -0.02 -17.94 14.47
C GLY A 314 -1.24 -18.02 13.57
N GLU A 315 -2.00 -16.93 13.51
CA GLU A 315 -3.10 -16.81 12.56
C GLU A 315 -2.57 -16.43 11.18
N ARG A 316 -3.39 -16.68 10.16
CA ARG A 316 -2.95 -16.47 8.79
C ARG A 316 -3.73 -15.35 8.12
N GLY A 317 -3.06 -14.69 7.20
CA GLY A 317 -3.66 -13.63 6.41
C GLY A 317 -3.29 -13.75 4.96
N VAL A 318 -4.05 -13.05 4.11
CA VAL A 318 -3.78 -12.98 2.68
C VAL A 318 -3.71 -11.52 2.28
N LEU A 319 -2.56 -11.10 1.76
CA LEU A 319 -2.43 -9.81 1.10
C LEU A 319 -2.81 -10.00 -0.36
N THR A 320 -3.59 -9.07 -0.89
CA THR A 320 -4.03 -9.16 -2.29
C THR A 320 -4.14 -7.76 -2.86
N GLY A 321 -3.87 -7.63 -4.15
CA GLY A 321 -4.05 -6.34 -4.80
C GLY A 321 -3.89 -6.35 -6.30
N THR A 322 -4.55 -5.39 -6.95
CA THR A 322 -4.40 -5.07 -8.37
C THR A 322 -3.99 -3.60 -8.43
N GLY A 323 -2.97 -3.29 -9.23
CA GLY A 323 -2.45 -1.95 -9.32
C GLY A 323 -2.11 -1.52 -10.72
N SER A 324 -1.86 -0.23 -10.89
CA SER A 324 -1.44 0.29 -12.18
C SER A 324 -0.22 -0.46 -12.67
N GLY A 325 -0.18 -0.71 -13.98
CA GLY A 325 0.94 -1.40 -14.61
C GLY A 325 0.52 -2.34 -15.71
N VAL A 326 -0.73 -2.74 -15.59
CA VAL A 326 -1.31 -3.64 -14.58
C VAL A 326 -0.55 -4.79 -13.93
N SER A 327 -0.47 -4.74 -12.60
CA SER A 327 0.06 -5.89 -11.85
C SER A 327 -0.92 -6.42 -10.83
N PHE A 328 -0.76 -7.72 -10.56
CA PHE A 328 -1.49 -8.42 -9.56
C PHE A 328 -0.50 -8.96 -8.53
N VAL A 329 -0.87 -8.88 -7.25
CA VAL A 329 -0.05 -9.44 -6.18
C VAL A 329 -0.88 -10.26 -5.20
N GLY A 330 -0.24 -11.24 -4.59
CA GLY A 330 -0.88 -12.07 -3.60
C GLY A 330 0.16 -12.70 -2.70
N MET A 331 -0.12 -12.73 -1.40
CA MET A 331 0.77 -13.37 -0.41
C MET A 331 -0.07 -14.00 0.70
N VAL A 332 0.26 -15.25 1.01
CA VAL A 332 -0.37 -15.98 2.11
C VAL A 332 0.70 -16.09 3.22
N PHE A 333 0.37 -15.65 4.42
CA PHE A 333 1.36 -15.60 5.51
C PHE A 333 0.78 -16.01 6.84
N THR A 334 1.63 -16.60 7.69
CA THR A 334 1.33 -16.73 9.11
C THR A 334 1.93 -15.50 9.81
N TYR A 335 1.10 -14.79 10.57
CA TYR A 335 1.54 -13.62 11.29
C TYR A 335 2.50 -14.02 12.43
#